data_8YMZ
#
_entry.id   8YMZ
#
_cell.length_a   59.979
_cell.length_b   67.535
_cell.length_c   99.466
_cell.angle_alpha   90.00
_cell.angle_beta   90.00
_cell.angle_gamma   90.00
#
_symmetry.space_group_name_H-M   'P 21 21 21'
#
loop_
_entity.id
_entity.type
_entity.pdbx_description
1 polymer "DNA (5'-D(*TP*CP*AP*CP*AP*CP*AP*TP*AP*CP*AP*CP*AP*CP*T)-3')"
2 polymer "DNA (5'-D(*AP*AP*GP*TP*GP*TP*GP*TP*AP*TP*GP*TP*GP*TP*G)-3')"
3 polymer 'Zinc finger and BTB domain-containing protein 43'
4 non-polymer 'ZINC ION'
#
loop_
_entity_poly.entity_id
_entity_poly.type
_entity_poly.pdbx_seq_one_letter_code
_entity_poly.pdbx_strand_id
1 'polydeoxyribonucleotide' (DT)(DC)(DA)(DC)(DA)(DC)(DA)(DT)(DA)(DC)(DA)(DC)(DA)(DC)(DT) C,A
2 'polydeoxyribonucleotide' (DA)(DA)(DG)(DT)(DG)(DT)(DG)(DT)(DA)(DT)(DG)(DT)(DG)(DT)(DG) D,B
3 'polypeptide(L)'
;LYPCQCGKSFTHKSQRDRHMSMHLGLRPYGCGVCGKKFKMKHHLVGHMKIHTGIKPYECNICAKRFMWRDSFHRHVTSCT
KS
;
E,F
#
# COMPACT_ATOMS: atom_id res chain seq x y z
N LEU C 1 -23.40 8.78 7.79
CA LEU C 1 -23.31 8.39 6.39
C LEU C 1 -22.19 9.14 5.68
N TYR C 2 -21.51 8.47 4.77
CA TYR C 2 -20.23 8.94 4.20
C TYR C 2 -20.35 9.14 2.69
N PRO C 3 -20.39 10.37 2.20
CA PRO C 3 -20.51 10.61 0.76
C PRO C 3 -19.19 10.36 0.03
N CYS C 4 -19.31 10.13 -1.27
CA CYS C 4 -18.20 9.79 -2.14
C CYS C 4 -18.24 10.66 -3.39
N GLN C 5 -17.20 10.55 -4.21
CA GLN C 5 -17.09 11.35 -5.44
C GLN C 5 -17.88 10.75 -6.59
N CYS C 6 -18.89 9.93 -6.29
CA CYS C 6 -19.79 9.38 -7.30
C CYS C 6 -21.26 9.55 -6.97
N GLY C 7 -21.61 10.08 -5.81
CA GLY C 7 -22.98 10.17 -5.39
C GLY C 7 -23.41 9.03 -4.48
N LYS C 8 -22.64 7.95 -4.43
CA LYS C 8 -22.93 6.85 -3.52
C LYS C 8 -22.51 7.27 -2.11
N SER C 9 -23.46 7.30 -1.19
CA SER C 9 -23.18 7.57 0.21
C SER C 9 -23.07 6.24 0.94
N PHE C 10 -21.86 5.86 1.32
CA PHE C 10 -21.64 4.57 1.94
C PHE C 10 -22.00 4.59 3.43
N THR C 11 -22.44 3.45 3.92
CA THR C 11 -22.71 3.32 5.35
C THR C 11 -21.44 3.46 6.18
N HIS C 12 -20.34 2.85 5.73
CA HIS C 12 -19.12 2.75 6.51
C HIS C 12 -18.01 3.55 5.85
N LYS C 13 -17.17 4.19 6.68
CA LYS C 13 -16.04 4.94 6.18
C LYS C 13 -15.15 4.08 5.28
N SER C 14 -14.75 2.90 5.75
CA SER C 14 -13.80 2.08 5.00
C SER C 14 -14.27 1.83 3.56
N GLN C 15 -15.57 1.62 3.36
CA GLN C 15 -16.07 1.37 2.02
C GLN C 15 -15.97 2.62 1.15
N ARG C 16 -16.26 3.78 1.74
CA ARG C 16 -16.06 5.03 1.01
C ARG C 16 -14.60 5.19 0.62
N ASP C 17 -13.70 4.88 1.56
CA ASP C 17 -12.28 5.07 1.28
C ASP C 17 -11.79 4.11 0.20
N ARG C 18 -12.26 2.87 0.24
CA ARG C 18 -11.90 1.91 -0.80
C ARG C 18 -12.36 2.40 -2.15
N HIS C 19 -13.61 2.87 -2.20
CA HIS C 19 -14.20 3.39 -3.42
C HIS C 19 -13.41 4.60 -3.95
N MET C 20 -13.05 5.52 -3.05
CA MET C 20 -12.29 6.70 -3.46
C MET C 20 -10.90 6.32 -3.95
N SER C 21 -10.25 5.37 -3.27
CA SER C 21 -8.93 4.94 -3.71
C SER C 21 -9.00 4.35 -5.10
N MET C 22 -10.05 3.59 -5.38
CA MET C 22 -10.25 3.10 -6.74
C MET C 22 -10.41 4.26 -7.71
N HIS C 23 -11.20 5.26 -7.32
CA HIS C 23 -11.41 6.43 -8.18
C HIS C 23 -10.10 7.12 -8.52
N LEU C 24 -9.24 7.34 -7.52
CA LEU C 24 -8.01 8.07 -7.78
C LEU C 24 -7.05 7.29 -8.65
N GLY C 25 -7.17 5.97 -8.65
CA GLY C 25 -6.19 5.14 -9.31
C GLY C 25 -4.98 4.82 -8.46
N LEU C 26 -5.06 5.05 -7.15
CA LEU C 26 -3.96 4.72 -6.25
C LEU C 26 -3.70 3.22 -6.27
N ARG C 27 -2.43 2.84 -6.33
CA ARG C 27 -2.02 1.43 -6.39
C ARG C 27 -0.94 1.17 -5.35
N PRO C 28 -1.30 1.14 -4.07
CA PRO C 28 -0.27 1.02 -3.02
C PRO C 28 0.39 -0.34 -2.96
N TYR C 29 -0.21 -1.37 -3.53
CA TYR C 29 0.29 -2.73 -3.39
C TYR C 29 1.01 -3.07 -4.69
N GLY C 30 2.35 -3.05 -4.66
CA GLY C 30 3.11 -3.36 -5.85
C GLY C 30 3.82 -4.69 -5.68
N CYS C 31 4.17 -5.33 -6.79
CA CYS C 31 4.94 -6.55 -6.74
C CYS C 31 6.42 -6.20 -6.61
N GLY C 32 7.08 -6.80 -5.62
CA GLY C 32 8.50 -6.67 -5.48
C GLY C 32 9.32 -7.53 -6.42
N VAL C 33 8.66 -8.30 -7.29
CA VAL C 33 9.40 -9.14 -8.23
C VAL C 33 9.38 -8.53 -9.62
N CYS C 34 8.18 -8.37 -10.19
CA CYS C 34 8.08 -7.79 -11.52
C CYS C 34 8.05 -6.27 -11.44
N GLY C 35 7.11 -5.72 -10.68
CA GLY C 35 7.03 -4.28 -10.52
C GLY C 35 5.67 -3.68 -10.82
N LYS C 36 4.66 -4.51 -11.01
CA LYS C 36 3.31 -4.02 -11.26
C LYS C 36 2.63 -3.65 -9.95
N LYS C 37 1.91 -2.53 -9.97
CA LYS C 37 1.25 -2.02 -8.77
C LYS C 37 -0.25 -2.27 -8.87
N PHE C 38 -0.85 -2.70 -7.77
CA PHE C 38 -2.26 -3.04 -7.73
C PHE C 38 -2.92 -2.28 -6.59
N LYS C 39 -4.17 -1.92 -6.81
CA LYS C 39 -4.87 -1.11 -5.84
C LYS C 39 -5.39 -1.82 -4.60
N MET C 40 -5.48 -3.13 -4.66
CA MET C 40 -5.99 -3.88 -3.52
C MET C 40 -5.07 -5.05 -3.20
N LYS C 41 -5.08 -5.44 -1.93
CA LYS C 41 -4.18 -6.48 -1.49
C LYS C 41 -4.46 -7.79 -2.20
N HIS C 42 -5.74 -8.20 -2.26
CA HIS C 42 -6.05 -9.50 -2.84
C HIS C 42 -5.70 -9.56 -4.33
N HIS C 43 -5.80 -8.43 -5.02
CA HIS C 43 -5.27 -8.36 -6.39
C HIS C 43 -3.82 -8.79 -6.44
N LEU C 44 -2.99 -8.20 -5.58
CA LEU C 44 -1.57 -8.54 -5.57
C LEU C 44 -1.35 -9.98 -5.11
N VAL C 45 -2.21 -10.46 -4.22
CA VAL C 45 -2.10 -11.84 -3.75
C VAL C 45 -2.33 -12.80 -4.91
N GLY C 46 -3.39 -12.57 -5.68
CA GLY C 46 -3.66 -13.40 -6.84
C GLY C 46 -2.55 -13.30 -7.87
N HIS C 47 -2.04 -12.09 -8.10
CA HIS C 47 -0.97 -11.90 -9.06
C HIS C 47 0.30 -12.65 -8.64
N MET C 48 0.60 -12.65 -7.35
CA MET C 48 1.79 -13.32 -6.85
C MET C 48 1.86 -14.77 -7.29
N LYS C 49 0.72 -15.42 -7.48
CA LYS C 49 0.71 -16.84 -7.85
C LYS C 49 1.48 -17.11 -9.13
N ILE C 50 1.60 -16.13 -10.02
CA ILE C 50 2.36 -16.41 -11.23
C ILE C 50 3.86 -16.34 -10.95
N HIS C 51 4.29 -15.51 -10.00
CA HIS C 51 5.69 -15.52 -9.60
C HIS C 51 6.02 -16.78 -8.80
N THR C 52 5.15 -17.13 -7.85
CA THR C 52 5.36 -18.29 -6.99
C THR C 52 4.84 -19.58 -7.60
N GLY C 53 4.16 -19.49 -8.74
CA GLY C 53 3.76 -20.69 -9.46
C GLY C 53 2.75 -21.56 -8.77
N ILE C 54 2.14 -21.09 -7.68
CA ILE C 54 1.12 -21.89 -6.98
C ILE C 54 -0.08 -22.07 -7.91
N LYS C 55 -0.46 -23.33 -8.15
CA LYS C 55 -1.56 -23.70 -9.04
C LYS C 55 -2.64 -24.42 -8.25
N PRO C 56 -3.59 -23.69 -7.66
CA PRO C 56 -4.65 -24.36 -6.88
C PRO C 56 -5.78 -24.85 -7.77
N TYR C 57 -6.91 -25.25 -7.18
CA TYR C 57 -8.05 -25.73 -7.94
C TYR C 57 -7.77 -26.96 -8.80
N GLU C 58 -7.60 -28.11 -8.15
CA GLU C 58 -7.48 -29.39 -8.84
C GLU C 58 -8.82 -29.86 -9.38
N CYS C 59 -8.88 -30.16 -10.68
CA CYS C 59 -10.14 -30.63 -11.25
C CYS C 59 -10.45 -32.01 -10.70
N ASN C 60 -11.73 -32.23 -10.38
CA ASN C 60 -12.13 -33.42 -9.65
C ASN C 60 -11.94 -34.71 -10.44
N ILE C 61 -11.87 -34.63 -11.77
CA ILE C 61 -11.68 -35.82 -12.60
C ILE C 61 -10.45 -35.68 -13.50
N CYS C 62 -10.33 -34.56 -14.21
CA CYS C 62 -9.31 -34.49 -15.26
C CYS C 62 -7.91 -34.21 -14.72
N ALA C 63 -7.75 -33.91 -13.43
CA ALA C 63 -6.45 -33.63 -12.82
C ALA C 63 -5.69 -32.53 -13.58
N LYS C 64 -6.24 -31.32 -13.54
CA LYS C 64 -5.63 -30.16 -14.18
C LYS C 64 -5.74 -28.95 -13.26
N ARG C 65 -4.69 -28.70 -12.48
CA ARG C 65 -4.62 -27.51 -11.65
C ARG C 65 -4.60 -26.24 -12.51
N PHE C 66 -5.34 -25.22 -12.08
CA PHE C 66 -5.43 -23.94 -12.79
C PHE C 66 -5.06 -22.82 -11.84
N MET C 67 -4.51 -21.74 -12.41
CA MET C 67 -4.14 -20.61 -11.57
C MET C 67 -5.34 -19.77 -11.19
N TRP C 68 -6.30 -19.60 -12.09
CA TRP C 68 -7.37 -18.63 -11.94
C TRP C 68 -8.71 -19.34 -11.75
N ARG C 69 -9.56 -18.74 -10.91
CA ARG C 69 -10.83 -19.36 -10.55
C ARG C 69 -11.73 -19.56 -11.78
N ASP C 70 -11.75 -18.58 -12.68
CA ASP C 70 -12.64 -18.66 -13.84
C ASP C 70 -12.18 -19.73 -14.81
N SER C 71 -10.86 -19.91 -14.95
CA SER C 71 -10.34 -20.98 -15.80
C SER C 71 -10.75 -22.35 -15.27
N PHE C 72 -10.64 -22.55 -13.96
CA PHE C 72 -11.06 -23.82 -13.36
C PHE C 72 -12.57 -24.02 -13.52
N HIS C 73 -13.36 -22.96 -13.36
CA HIS C 73 -14.80 -23.09 -13.50
C HIS C 73 -15.20 -23.43 -14.93
N ARG C 74 -14.50 -22.85 -15.91
CA ARG C 74 -14.75 -23.19 -17.31
C ARG C 74 -14.37 -24.63 -17.61
N HIS C 75 -13.21 -25.08 -17.12
CA HIS C 75 -12.79 -26.46 -17.37
C HIS C 75 -13.76 -27.45 -16.73
N VAL C 76 -14.23 -27.16 -15.51
CA VAL C 76 -15.20 -28.04 -14.86
C VAL C 76 -16.52 -28.02 -15.60
N THR C 77 -16.91 -26.86 -16.15
CA THR C 77 -18.13 -26.79 -16.95
C THR C 77 -18.02 -27.66 -18.21
N SER C 78 -16.89 -27.58 -18.90
CA SER C 78 -16.75 -28.28 -20.18
C SER C 78 -16.51 -29.78 -19.96
N CYS C 79 -15.41 -30.13 -19.31
CA CYS C 79 -15.06 -31.53 -19.09
C CYS C 79 -16.04 -32.21 -18.15
N LEU F 1 -4.26 20.64 -15.74
CA LEU F 1 -4.11 20.97 -14.33
C LEU F 1 -5.08 20.16 -13.46
N TYR F 2 -4.64 19.77 -12.27
CA TYR F 2 -5.39 18.82 -11.43
C TYR F 2 -5.76 19.43 -10.09
N PRO F 3 -7.01 19.85 -9.90
CA PRO F 3 -7.44 20.41 -8.62
C PRO F 3 -7.76 19.36 -7.57
N CYS F 4 -7.82 19.82 -6.31
CA CYS F 4 -8.10 19.02 -5.12
C CYS F 4 -9.13 19.73 -4.25
N GLN F 5 -9.53 19.11 -3.14
CA GLN F 5 -10.59 19.66 -2.28
C GLN F 5 -10.04 20.72 -1.31
N CYS F 6 -8.93 21.34 -1.66
CA CYS F 6 -8.38 22.42 -0.85
C CYS F 6 -8.26 23.74 -1.61
N GLY F 7 -8.58 23.72 -2.90
CA GLY F 7 -8.40 24.85 -3.75
C GLY F 7 -7.08 24.86 -4.47
N LYS F 8 -6.12 24.08 -4.00
CA LYS F 8 -4.83 23.96 -4.65
C LYS F 8 -4.99 23.05 -5.87
N SER F 9 -4.68 23.60 -7.05
CA SER F 9 -4.71 22.83 -8.28
C SER F 9 -3.27 22.38 -8.56
N PHE F 10 -3.03 21.09 -8.39
CA PHE F 10 -1.69 20.57 -8.55
C PHE F 10 -1.35 20.41 -10.02
N THR F 11 -0.07 20.57 -10.34
CA THR F 11 0.38 20.33 -11.71
C THR F 11 0.20 18.86 -12.10
N HIS F 12 0.46 17.94 -11.17
CA HIS F 12 0.54 16.52 -11.48
C HIS F 12 -0.61 15.75 -10.84
N LYS F 13 -1.12 14.71 -11.48
CA LYS F 13 -2.17 13.95 -10.82
C LYS F 13 -1.71 13.30 -9.54
N SER F 14 -0.60 12.61 -9.62
CA SER F 14 -0.12 11.87 -8.43
C SER F 14 0.02 12.76 -7.22
N GLN F 15 0.48 13.99 -7.42
CA GLN F 15 0.64 14.91 -6.29
C GLN F 15 -0.73 15.24 -5.73
N ARG F 16 -1.69 15.40 -6.63
CA ARG F 16 -3.08 15.58 -6.26
C ARG F 16 -3.59 14.37 -5.48
N ASP F 17 -3.28 13.17 -5.96
CA ASP F 17 -3.77 11.96 -5.32
C ASP F 17 -3.14 11.77 -3.94
N ARG F 18 -1.86 12.14 -3.79
CA ARG F 18 -1.24 12.12 -2.48
C ARG F 18 -1.95 13.07 -1.52
N HIS F 19 -2.26 14.28 -1.99
CA HIS F 19 -3.01 15.22 -1.16
C HIS F 19 -4.38 14.66 -0.79
N MET F 20 -5.07 14.07 -1.76
CA MET F 20 -6.39 13.51 -1.51
C MET F 20 -6.33 12.34 -0.54
N SER F 21 -5.36 11.45 -0.71
CA SER F 21 -5.23 10.31 0.20
C SER F 21 -4.99 10.79 1.61
N MET F 22 -4.16 11.82 1.77
CA MET F 22 -3.97 12.39 3.10
C MET F 22 -5.28 12.93 3.65
N HIS F 23 -6.07 13.63 2.81
CA HIS F 23 -7.37 14.12 3.26
C HIS F 23 -8.23 12.98 3.77
N LEU F 24 -8.26 11.88 3.04
CA LEU F 24 -9.11 10.75 3.39
C LEU F 24 -8.64 10.07 4.67
N GLY F 25 -7.34 10.15 4.98
CA GLY F 25 -6.80 9.39 6.08
C GLY F 25 -6.41 7.98 5.72
N LEU F 26 -6.25 7.68 4.44
CA LEU F 26 -5.91 6.34 4.00
C LEU F 26 -4.53 5.93 4.52
N ARG F 27 -4.43 4.71 5.02
CA ARG F 27 -3.17 4.13 5.51
C ARG F 27 -2.95 2.74 4.91
N PRO F 28 -2.62 2.67 3.61
CA PRO F 28 -2.49 1.33 2.99
C PRO F 28 -1.23 0.57 3.39
N TYR F 29 -0.20 1.23 3.91
CA TYR F 29 1.10 0.62 4.14
C TYR F 29 1.23 0.27 5.62
N GLY F 30 1.12 -1.02 5.93
CA GLY F 30 1.19 -1.49 7.30
C GLY F 30 2.43 -2.30 7.62
N CYS F 31 2.78 -2.37 8.90
CA CYS F 31 3.90 -3.20 9.35
C CYS F 31 3.44 -4.64 9.54
N GLY F 32 4.17 -5.57 8.93
CA GLY F 32 3.93 -6.99 9.11
C GLY F 32 4.49 -7.55 10.40
N VAL F 33 5.08 -6.71 11.25
CA VAL F 33 5.60 -7.15 12.52
C VAL F 33 4.67 -6.70 13.64
N CYS F 34 4.50 -5.37 13.79
CA CYS F 34 3.60 -4.89 14.84
C CYS F 34 2.16 -4.84 14.35
N GLY F 35 1.91 -4.10 13.26
CA GLY F 35 0.57 -4.03 12.72
C GLY F 35 0.05 -2.61 12.53
N LYS F 36 0.92 -1.62 12.68
CA LYS F 36 0.51 -0.23 12.48
C LYS F 36 0.47 0.10 11.00
N LYS F 37 -0.56 0.84 10.59
CA LYS F 37 -0.77 1.24 9.20
C LYS F 37 -0.50 2.73 9.05
N PHE F 38 0.19 3.09 7.96
CA PHE F 38 0.66 4.44 7.71
C PHE F 38 0.26 4.92 6.32
N LYS F 39 0.15 6.23 6.17
CA LYS F 39 -0.28 6.79 4.92
C LYS F 39 0.76 6.74 3.84
N MET F 40 2.02 6.77 4.21
CA MET F 40 3.06 6.82 3.18
C MET F 40 4.08 5.70 3.39
N LYS F 41 4.70 5.29 2.29
CA LYS F 41 5.64 4.18 2.35
C LYS F 41 6.83 4.53 3.23
N HIS F 42 7.45 5.69 3.00
CA HIS F 42 8.65 6.05 3.75
C HIS F 42 8.36 6.22 5.23
N HIS F 43 7.15 6.67 5.57
CA HIS F 43 6.70 6.61 6.95
C HIS F 43 6.85 5.20 7.49
N LEU F 44 6.39 4.22 6.73
CA LEU F 44 6.44 2.84 7.19
C LEU F 44 7.88 2.35 7.32
N VAL F 45 8.76 2.79 6.43
CA VAL F 45 10.17 2.40 6.55
C VAL F 45 10.79 2.97 7.82
N GLY F 46 10.55 4.25 8.07
CA GLY F 46 11.04 4.85 9.29
C GLY F 46 10.50 4.13 10.51
N HIS F 47 9.22 3.75 10.48
CA HIS F 47 8.67 3.00 11.61
C HIS F 47 9.35 1.64 11.75
N MET F 48 9.55 0.95 10.63
CA MET F 48 10.21 -0.36 10.69
C MET F 48 11.57 -0.24 11.35
N LYS F 49 12.18 0.94 11.27
CA LYS F 49 13.49 1.12 11.88
C LYS F 49 13.50 0.78 13.37
N ILE F 50 12.37 0.92 14.07
CA ILE F 50 12.42 0.62 15.50
C ILE F 50 12.38 -0.88 15.76
N HIS F 51 11.73 -1.65 14.88
CA HIS F 51 11.85 -3.10 15.00
C HIS F 51 13.25 -3.55 14.64
N THR F 52 13.80 -3.02 13.55
CA THR F 52 15.12 -3.47 13.10
C THR F 52 16.26 -2.77 13.83
N GLY F 53 15.97 -1.77 14.66
CA GLY F 53 16.99 -1.18 15.51
C GLY F 53 18.10 -0.46 14.76
N ILE F 54 17.91 -0.23 13.46
CA ILE F 54 18.92 0.46 12.66
C ILE F 54 19.03 1.90 13.15
N LYS F 55 20.25 2.30 13.55
CA LYS F 55 20.53 3.66 14.03
C LYS F 55 21.57 4.27 13.10
N PRO F 56 21.08 4.84 11.98
CA PRO F 56 22.02 5.34 10.97
C PRO F 56 22.52 6.74 11.19
N TYR F 57 22.17 7.34 12.31
CA TYR F 57 22.57 8.72 12.49
C TYR F 57 23.76 8.72 13.40
N GLU F 58 24.93 8.91 12.82
CA GLU F 58 26.14 8.83 13.61
C GLU F 58 26.69 10.16 14.03
N CYS F 59 27.01 10.29 15.31
CA CYS F 59 27.51 11.56 15.83
C CYS F 59 28.97 11.76 15.42
N ASN F 60 29.28 12.99 15.04
CA ASN F 60 30.58 13.25 14.42
C ASN F 60 31.73 13.04 15.41
N ILE F 61 31.46 13.16 16.70
CA ILE F 61 32.48 12.91 17.72
C ILE F 61 31.98 11.91 18.77
N CYS F 62 30.75 12.10 19.24
CA CYS F 62 30.21 11.43 20.43
C CYS F 62 29.84 9.97 20.22
N ALA F 63 30.08 9.38 19.04
CA ALA F 63 29.53 8.07 18.73
C ALA F 63 28.03 8.19 18.81
N LYS F 64 27.40 7.55 19.81
CA LYS F 64 25.97 7.69 20.09
C LYS F 64 25.16 7.81 18.81
N ARG F 65 25.13 6.72 18.06
CA ARG F 65 24.38 6.70 16.82
C ARG F 65 22.88 6.69 17.11
N PHE F 66 22.11 7.42 16.30
CA PHE F 66 20.69 7.69 16.56
C PHE F 66 19.79 7.17 15.45
N MET F 67 18.55 6.86 15.82
CA MET F 67 17.58 6.36 14.84
C MET F 67 16.96 7.48 14.01
N TRP F 68 16.74 8.65 14.61
CA TRP F 68 15.92 9.71 14.03
C TRP F 68 16.75 10.92 13.63
N ARG F 69 16.44 11.54 12.51
CA ARG F 69 17.28 12.63 12.04
C ARG F 69 17.30 13.79 12.99
N ASP F 70 16.16 14.15 13.52
CA ASP F 70 16.08 15.33 14.36
C ASP F 70 16.80 15.13 15.69
N SER F 71 16.75 13.93 16.27
CA SER F 71 17.46 13.70 17.52
C SER F 71 18.97 13.83 17.33
N PHE F 72 19.49 13.21 16.26
CA PHE F 72 20.91 13.31 15.98
C PHE F 72 21.32 14.72 15.62
N HIS F 73 20.49 15.40 14.85
CA HIS F 73 20.81 16.76 14.44
C HIS F 73 20.76 17.72 15.65
N ARG F 74 19.87 17.50 16.62
CA ARG F 74 19.94 18.28 17.85
C ARG F 74 21.20 17.96 18.66
N HIS F 75 21.53 16.66 18.81
CA HIS F 75 22.71 16.29 19.60
C HIS F 75 24.00 16.85 18.99
N VAL F 76 24.12 16.79 17.66
CA VAL F 76 25.30 17.37 17.02
C VAL F 76 25.29 18.88 17.21
N THR F 77 24.10 19.51 17.25
CA THR F 77 24.04 20.93 17.52
C THR F 77 24.59 21.28 18.91
N SER F 78 24.24 20.49 19.92
CA SER F 78 24.56 20.89 21.29
C SER F 78 26.04 20.68 21.65
N CYS F 79 26.51 19.44 21.65
CA CYS F 79 27.88 19.15 22.07
C CYS F 79 28.91 19.67 21.07
#